data_1VLC
#
_entry.id   1VLC
#
_cell.length_a   118.780
_cell.length_b   118.780
_cell.length_c   56.699
_cell.angle_alpha   90.00
_cell.angle_beta   90.00
_cell.angle_gamma   120.00
#
_symmetry.space_group_name_H-M   'P 3 2 1'
#
loop_
_entity.id
_entity.type
_entity.pdbx_description
1 polymer '3-isopropylmalate dehydrogenase'
2 non-polymer 'CHLORIDE ION'
3 water water
#
_entity_poly.entity_id   1
_entity_poly.type   'polypeptide(L)'
_entity_poly.pdbx_seq_one_letter_code
;MGSDKIHHHHHHMKIAVLPGDGIGPEVVREALKVLEVVEKKTGKTFEKVFGHIGGDAIDRFGEPLPEETKKICLEADAIF
LGSVGGPKWDDLPPEKRPEIGGLLALRKMLNLYANIRPIKVYRSLVHVSPLKEKVIGSGVDLVTVRELSYGVYYGQPRGL
DEEKGFDTMIYDRKTVERIARTAFEIAKNRRKKVTSVDKANVLYSSMLWRKVVNEVAREYPDVELTHIYVDNAAMQLILK
PSQFDVILTTNMFGDILSDESAALPGSLGLLPSASFGDKNLYEPAGGSAPDIAGKNIANPIAQILSLAMMLEHSFGMVEE
ARKIERAVELVIEEGYRTRDIAEDPEKAVSTSQMGDLICKKLEEIW
;
_entity_poly.pdbx_strand_id   A
#
loop_
_chem_comp.id
_chem_comp.type
_chem_comp.name
_chem_comp.formula
CL non-polymer 'CHLORIDE ION' 'Cl -1'
#
# COMPACT_ATOMS: atom_id res chain seq x y z
N LYS A 5 -17.62 -0.59 -7.87
CA LYS A 5 -18.13 -1.32 -9.06
C LYS A 5 -18.44 -2.77 -8.72
N ILE A 6 -19.23 -3.39 -9.59
CA ILE A 6 -19.58 -4.80 -9.42
C ILE A 6 -18.52 -5.64 -10.10
N HIS A 7 -17.95 -6.59 -9.36
CA HIS A 7 -16.96 -7.49 -9.94
C HIS A 7 -17.75 -8.73 -10.36
N HIS A 8 -17.89 -8.90 -11.66
CA HIS A 8 -18.39 -10.13 -12.22
C HIS A 8 -17.29 -11.20 -12.32
N HIS A 9 -17.68 -12.46 -12.42
CA HIS A 9 -16.71 -13.51 -12.64
C HIS A 9 -16.09 -13.27 -13.98
N HIS A 10 -14.77 -13.15 -13.99
CA HIS A 10 -13.94 -12.95 -15.19
C HIS A 10 -12.89 -14.04 -15.13
N HIS A 11 -12.54 -14.60 -16.27
CA HIS A 11 -11.48 -15.60 -16.25
C HIS A 11 -10.16 -15.16 -16.93
N HIS A 12 -10.13 -13.97 -17.51
CA HIS A 12 -8.91 -13.46 -18.12
C HIS A 12 -8.65 -12.05 -17.61
N MET A 13 -7.52 -11.88 -16.97
CA MET A 13 -7.05 -10.60 -16.44
C MET A 13 -5.67 -10.30 -16.95
N LYS A 14 -5.40 -9.02 -17.19
CA LYS A 14 -4.11 -8.54 -17.62
C LYS A 14 -3.45 -7.66 -16.52
N ILE A 15 -2.22 -8.00 -16.16
CA ILE A 15 -1.39 -7.29 -15.17
C ILE A 15 -0.11 -6.81 -15.81
N ALA A 16 0.18 -5.52 -15.62
CA ALA A 16 1.42 -4.91 -15.97
C ALA A 16 2.32 -5.14 -14.76
N VAL A 17 3.37 -5.89 -14.95
CA VAL A 17 4.34 -6.16 -13.85
C VAL A 17 5.60 -5.36 -14.15
N LEU A 18 5.95 -4.47 -13.23
CA LEU A 18 7.13 -3.63 -13.37
C LEU A 18 8.04 -3.93 -12.19
N PRO A 19 8.95 -4.87 -12.36
CA PRO A 19 9.74 -5.44 -11.25
C PRO A 19 10.69 -4.43 -10.56
N GLY A 20 11.15 -3.44 -11.34
CA GLY A 20 12.01 -2.36 -10.83
C GLY A 20 13.48 -2.74 -10.74
N ASP A 21 14.10 -2.27 -9.67
CA ASP A 21 15.56 -2.29 -9.45
C ASP A 21 15.85 -2.90 -8.08
N GLY A 22 17.07 -3.38 -7.87
CA GLY A 22 17.56 -3.77 -6.53
C GLY A 22 16.76 -4.92 -5.97
N ILE A 23 16.10 -4.78 -4.82
CA ILE A 23 15.29 -5.92 -4.33
C ILE A 23 13.97 -6.16 -5.08
N GLY A 24 13.54 -5.18 -5.87
CA GLY A 24 12.26 -5.23 -6.58
C GLY A 24 12.10 -6.58 -7.25
N PRO A 25 13.00 -6.89 -8.18
CA PRO A 25 12.94 -8.15 -8.90
C PRO A 25 12.92 -9.42 -8.03
N GLU A 26 13.71 -9.46 -6.96
CA GLU A 26 13.75 -10.60 -6.03
C GLU A 26 12.38 -10.90 -5.42
N VAL A 27 11.76 -9.88 -4.82
CA VAL A 27 10.46 -10.04 -4.17
C VAL A 27 9.31 -10.18 -5.14
N VAL A 28 9.38 -9.54 -6.31
CA VAL A 28 8.33 -9.67 -7.30
C VAL A 28 8.34 -11.12 -7.84
N ARG A 29 9.52 -11.69 -8.05
CA ARG A 29 9.62 -13.14 -8.35
C ARG A 29 8.82 -14.04 -7.39
N GLU A 30 9.01 -13.89 -6.08
CA GLU A 30 8.21 -14.66 -5.13
C GLU A 30 6.71 -14.34 -5.23
N ALA A 31 6.33 -13.07 -5.43
CA ALA A 31 4.92 -12.76 -5.43
C ALA A 31 4.37 -13.59 -6.60
N LEU A 32 5.14 -13.69 -7.67
CA LEU A 32 4.58 -14.26 -8.91
C LEU A 32 4.50 -15.76 -8.81
N LYS A 33 5.33 -16.35 -7.96
CA LYS A 33 5.17 -17.76 -7.62
C LYS A 33 3.89 -17.98 -6.83
N VAL A 34 3.52 -17.07 -5.93
CA VAL A 34 2.21 -17.21 -5.27
C VAL A 34 1.09 -17.02 -6.31
N LEU A 35 1.24 -16.10 -7.25
CA LEU A 35 0.23 -15.92 -8.27
C LEU A 35 0.02 -17.18 -9.13
N GLU A 36 1.11 -17.92 -9.32
CA GLU A 36 1.03 -19.22 -9.99
C GLU A 36 0.19 -20.24 -9.22
N VAL A 37 0.22 -20.24 -7.90
CA VAL A 37 -0.66 -21.13 -7.13
C VAL A 37 -2.11 -20.71 -7.35
N VAL A 38 -2.38 -19.40 -7.35
CA VAL A 38 -3.71 -18.88 -7.44
C VAL A 38 -4.24 -19.27 -8.79
N GLU A 39 -3.41 -19.11 -9.83
CA GLU A 39 -3.73 -19.47 -11.20
C GLU A 39 -4.10 -20.95 -11.32
N LYS A 40 -3.24 -21.78 -10.80
CA LYS A 40 -3.55 -23.22 -10.74
C LYS A 40 -4.85 -23.55 -10.03
N LYS A 41 -5.07 -22.99 -8.85
CA LYS A 41 -6.28 -23.32 -8.11
C LYS A 41 -7.55 -22.73 -8.70
N THR A 42 -7.51 -21.52 -9.27
CA THR A 42 -8.73 -20.84 -9.69
C THR A 42 -9.04 -21.16 -11.13
N GLY A 43 -8.08 -21.69 -11.87
CA GLY A 43 -8.22 -21.85 -13.34
C GLY A 43 -8.24 -20.55 -14.19
N LYS A 44 -7.97 -19.40 -13.55
CA LYS A 44 -8.01 -18.08 -14.23
C LYS A 44 -6.70 -17.81 -14.95
N THR A 45 -6.74 -16.97 -16.02
CA THR A 45 -5.53 -16.58 -16.73
C THR A 45 -5.09 -15.21 -16.31
N PHE A 46 -3.89 -15.12 -15.77
CA PHE A 46 -3.31 -13.83 -15.52
C PHE A 46 -2.27 -13.58 -16.62
N GLU A 47 -2.62 -12.75 -17.59
CA GLU A 47 -1.69 -12.41 -18.62
C GLU A 47 -0.76 -11.33 -18.02
N LYS A 48 0.50 -11.66 -17.87
CA LYS A 48 1.47 -10.73 -17.26
C LYS A 48 2.27 -10.10 -18.37
N VAL A 49 2.24 -8.78 -18.43
CA VAL A 49 3.04 -8.05 -19.36
C VAL A 49 4.10 -7.33 -18.55
N PHE A 50 5.35 -7.61 -18.85
CA PHE A 50 6.45 -7.10 -18.06
C PHE A 50 6.93 -5.79 -18.63
N GLY A 51 7.29 -4.87 -17.76
CA GLY A 51 7.60 -3.53 -18.22
C GLY A 51 8.83 -3.06 -17.50
N HIS A 52 9.56 -2.14 -18.12
CA HIS A 52 10.79 -1.62 -17.49
C HIS A 52 10.50 -0.26 -16.94
N ILE A 53 10.85 -0.07 -15.68
CA ILE A 53 10.73 1.25 -14.98
C ILE A 53 11.99 1.52 -14.13
N GLY A 54 12.27 2.79 -13.86
CA GLY A 54 13.38 3.14 -12.98
C GLY A 54 14.74 2.84 -13.57
N GLY A 55 15.70 2.41 -12.76
CA GLY A 55 17.05 2.08 -13.25
C GLY A 55 17.12 1.15 -14.43
N ASP A 56 16.25 0.16 -14.40
CA ASP A 56 16.10 -0.83 -15.44
C ASP A 56 15.75 -0.10 -16.76
N ALA A 57 14.79 0.84 -16.72
CA ALA A 57 14.41 1.56 -17.94
C ALA A 57 15.52 2.57 -18.36
N ILE A 58 16.20 3.18 -17.42
CA ILE A 58 17.27 4.13 -17.80
C ILE A 58 18.31 3.32 -18.63
N ASP A 59 18.70 2.15 -18.14
CA ASP A 59 19.67 1.35 -18.79
C ASP A 59 19.26 0.94 -20.21
N ARG A 60 17.98 0.68 -20.38
CA ARG A 60 17.49 0.09 -21.59
C ARG A 60 16.97 1.13 -22.59
N PHE A 61 16.49 2.24 -22.08
CA PHE A 61 15.82 3.20 -22.93
C PHE A 61 16.42 4.54 -22.81
N GLY A 62 17.17 4.79 -21.75
CA GLY A 62 17.69 6.13 -21.55
C GLY A 62 16.87 7.04 -20.70
N GLU A 63 15.69 6.58 -20.23
CA GLU A 63 14.84 7.34 -19.30
C GLU A 63 14.08 6.39 -18.37
N PRO A 64 13.67 6.87 -17.19
CA PRO A 64 13.13 6.01 -16.12
C PRO A 64 11.68 5.61 -16.33
N LEU A 65 10.91 6.38 -17.13
CA LEU A 65 9.54 5.96 -17.51
C LEU A 65 9.31 6.14 -19.03
N PRO A 66 9.76 5.19 -19.81
CA PRO A 66 9.66 5.34 -21.25
C PRO A 66 8.23 5.16 -21.81
N GLU A 67 8.00 5.66 -23.02
CA GLU A 67 6.71 5.49 -23.71
C GLU A 67 6.17 4.08 -23.76
N GLU A 68 7.06 3.11 -24.01
CA GLU A 68 6.72 1.66 -24.02
C GLU A 68 6.08 1.21 -22.71
N THR A 69 6.61 1.70 -21.59
CA THR A 69 6.12 1.30 -20.28
C THR A 69 4.78 1.94 -19.95
N LYS A 70 4.65 3.21 -20.24
CA LYS A 70 3.41 3.88 -20.12
C LYS A 70 2.29 3.13 -20.88
N LYS A 71 2.57 2.72 -22.11
CA LYS A 71 1.58 2.01 -22.96
C LYS A 71 1.11 0.67 -22.33
N ILE A 72 2.07 -0.13 -21.87
CA ILE A 72 1.80 -1.33 -21.09
C ILE A 72 0.93 -1.05 -19.84
N CYS A 73 1.25 0.02 -19.14
CA CYS A 73 0.48 0.37 -17.95
C CYS A 73 -0.93 0.74 -18.30
N LEU A 74 -1.10 1.52 -19.37
CA LEU A 74 -2.46 1.96 -19.73
C LEU A 74 -3.27 0.86 -20.40
N GLU A 75 -2.65 -0.20 -20.86
CA GLU A 75 -3.39 -1.28 -21.51
C GLU A 75 -3.73 -2.44 -20.56
N ALA A 76 -3.20 -2.41 -19.34
CA ALA A 76 -3.38 -3.50 -18.36
C ALA A 76 -4.57 -3.19 -17.49
N ASP A 77 -5.05 -4.17 -16.73
CA ASP A 77 -6.18 -4.00 -15.77
C ASP A 77 -5.73 -3.45 -14.38
N ALA A 78 -4.53 -3.78 -14.03
CA ALA A 78 -3.85 -3.42 -12.77
C ALA A 78 -2.34 -3.39 -12.98
N ILE A 79 -1.65 -2.59 -12.13
CA ILE A 79 -0.22 -2.41 -12.20
C ILE A 79 0.42 -2.91 -10.89
N PHE A 80 1.35 -3.82 -11.03
CA PHE A 80 2.03 -4.45 -9.93
C PHE A 80 3.50 -4.06 -10.04
N LEU A 81 3.96 -3.34 -9.02
CA LEU A 81 5.24 -2.63 -9.05
C LEU A 81 6.11 -3.11 -7.86
N GLY A 82 7.40 -3.32 -8.12
CA GLY A 82 8.34 -3.79 -7.12
C GLY A 82 8.90 -2.53 -6.41
N SER A 83 10.19 -2.35 -6.45
CA SER A 83 10.89 -1.17 -5.84
C SER A 83 11.80 -0.56 -6.93
N VAL A 84 12.05 0.75 -6.90
CA VAL A 84 12.90 1.37 -7.90
C VAL A 84 13.99 2.17 -7.20
N GLY A 85 15.12 2.34 -7.87
CA GLY A 85 16.21 3.21 -7.36
C GLY A 85 17.39 2.39 -6.89
N GLY A 86 18.55 3.05 -6.80
CA GLY A 86 19.78 2.38 -6.45
C GLY A 86 20.96 3.33 -6.64
N PRO A 87 22.11 2.99 -6.06
CA PRO A 87 23.30 3.86 -6.16
C PRO A 87 23.83 4.05 -7.59
N LYS A 88 23.68 3.05 -8.45
CA LYS A 88 24.05 3.25 -9.86
C LYS A 88 23.49 4.60 -10.44
N TRP A 89 22.26 4.98 -10.09
CA TRP A 89 21.58 6.12 -10.77
C TRP A 89 21.54 7.40 -9.96
N ASP A 90 21.97 7.34 -8.70
CA ASP A 90 22.09 8.55 -7.88
C ASP A 90 23.20 9.42 -8.50
N ASP A 91 23.06 10.73 -8.45
CA ASP A 91 24.05 11.55 -9.13
C ASP A 91 23.57 11.96 -10.53
N LEU A 92 22.57 11.26 -11.06
CA LEU A 92 21.74 11.89 -12.07
C LEU A 92 21.03 13.02 -11.33
N PRO A 93 20.61 14.06 -12.04
CA PRO A 93 19.90 15.20 -11.41
C PRO A 93 18.73 14.78 -10.48
N PRO A 94 17.58 15.49 -10.59
CA PRO A 94 16.36 15.09 -9.89
C PRO A 94 15.42 14.40 -10.88
N GLU A 95 14.97 15.18 -11.88
CA GLU A 95 14.00 14.73 -12.90
C GLU A 95 14.34 13.44 -13.64
N LYS A 96 15.62 13.06 -13.63
CA LYS A 96 16.09 11.91 -14.38
C LYS A 96 16.36 10.66 -13.51
N ARG A 97 16.29 10.79 -12.18
CA ARG A 97 16.51 9.64 -11.32
C ARG A 97 15.27 8.71 -11.29
N PRO A 98 15.50 7.43 -10.99
CA PRO A 98 14.40 6.42 -10.86
C PRO A 98 13.23 6.79 -9.98
N GLU A 99 13.51 7.18 -8.74
CA GLU A 99 12.44 7.50 -7.82
C GLU A 99 11.55 8.69 -8.26
N ILE A 100 12.08 9.68 -8.95
CA ILE A 100 11.32 10.86 -9.34
C ILE A 100 10.81 10.72 -10.76
N GLY A 101 11.73 10.43 -11.65
CA GLY A 101 11.41 10.43 -13.05
C GLY A 101 10.65 9.17 -13.37
N GLY A 102 10.75 8.16 -12.50
CA GLY A 102 10.16 6.84 -12.73
C GLY A 102 8.92 6.71 -11.85
N LEU A 103 9.12 6.52 -10.56
CA LEU A 103 8.01 6.26 -9.64
C LEU A 103 7.01 7.43 -9.46
N LEU A 104 7.48 8.61 -9.09
CA LEU A 104 6.56 9.73 -8.93
C LEU A 104 5.88 10.06 -10.25
N ALA A 105 6.60 9.97 -11.36
CA ALA A 105 6.00 10.22 -12.65
C ALA A 105 4.89 9.19 -12.99
N LEU A 106 5.11 7.94 -12.64
CA LEU A 106 4.07 6.93 -12.89
C LEU A 106 2.86 7.27 -12.04
N ARG A 107 3.07 7.56 -10.76
CA ARG A 107 1.95 7.82 -9.90
C ARG A 107 1.13 8.99 -10.40
N LYS A 108 1.82 10.04 -10.87
CA LYS A 108 1.13 11.20 -11.38
C LYS A 108 0.31 10.90 -12.60
N MET A 109 0.86 10.12 -13.52
CA MET A 109 0.18 9.79 -14.74
C MET A 109 -1.07 8.98 -14.50
N LEU A 110 -1.11 8.22 -13.40
CA LEU A 110 -2.31 7.43 -13.09
C LEU A 110 -3.48 8.15 -12.45
N ASN A 111 -3.35 9.44 -12.14
CA ASN A 111 -4.44 10.21 -11.54
C ASN A 111 -5.05 9.43 -10.37
N LEU A 112 -4.23 9.12 -9.40
CA LEU A 112 -4.65 8.38 -8.23
C LEU A 112 -5.41 9.27 -7.25
N TYR A 113 -6.42 8.72 -6.60
CA TYR A 113 -7.21 9.46 -5.61
C TYR A 113 -7.24 8.90 -4.19
N ALA A 114 -6.79 7.66 -4.02
CA ALA A 114 -6.79 7.02 -2.72
C ALA A 114 -5.58 6.14 -2.51
N ASN A 115 -4.97 6.23 -1.34
CA ASN A 115 -3.94 5.28 -0.90
C ASN A 115 -4.51 4.44 0.27
N ILE A 116 -4.34 3.14 0.17
CA ILE A 116 -4.91 2.19 1.12
C ILE A 116 -3.69 1.49 1.74
N ARG A 117 -3.55 1.60 3.06
CA ARG A 117 -2.40 1.02 3.73
C ARG A 117 -2.85 0.21 4.94
N PRO A 118 -3.03 -1.10 4.79
CA PRO A 118 -3.35 -1.96 5.90
C PRO A 118 -2.19 -2.23 6.86
N ILE A 119 -2.53 -2.30 8.14
CA ILE A 119 -1.55 -2.48 9.18
C ILE A 119 -2.12 -3.56 10.09
N LYS A 120 -1.39 -4.66 10.16
CA LYS A 120 -1.66 -5.74 11.12
C LYS A 120 -0.40 -6.04 11.95
N VAL A 121 -0.61 -6.20 13.26
CA VAL A 121 0.44 -6.72 14.13
C VAL A 121 0.07 -8.21 14.34
N TYR A 122 0.89 -9.10 13.81
CA TYR A 122 0.61 -10.52 13.96
C TYR A 122 0.87 -10.89 15.39
N ARG A 123 0.06 -11.76 15.96
CA ARG A 123 0.27 -12.15 17.36
C ARG A 123 1.71 -12.66 17.61
N SER A 124 2.22 -13.45 16.68
CA SER A 124 3.55 -14.06 16.82
C SER A 124 4.73 -13.14 16.57
N LEU A 125 4.51 -11.93 16.05
CA LEU A 125 5.62 -11.00 15.93
C LEU A 125 5.48 -9.79 16.85
N VAL A 126 4.67 -9.91 17.90
CA VAL A 126 4.40 -8.76 18.77
C VAL A 126 5.71 -8.28 19.36
N HIS A 127 6.64 -9.21 19.60
CA HIS A 127 7.94 -8.88 20.17
C HIS A 127 8.78 -8.02 19.26
N VAL A 128 8.44 -7.95 17.97
CA VAL A 128 9.10 -7.08 16.99
C VAL A 128 8.52 -5.67 16.98
N SER A 129 7.29 -5.51 17.47
CA SER A 129 6.67 -4.20 17.54
C SER A 129 7.37 -3.31 18.53
N PRO A 130 7.39 -2.01 18.27
CA PRO A 130 7.91 -1.04 19.27
C PRO A 130 7.00 -0.83 20.50
N LEU A 131 5.73 -1.24 20.41
CA LEU A 131 4.73 -1.03 21.45
C LEU A 131 4.73 -2.23 22.43
N LYS A 132 4.52 -1.98 23.73
CA LYS A 132 4.44 -3.04 24.74
C LYS A 132 3.27 -3.96 24.36
N GLU A 133 3.39 -5.23 24.72
CA GLU A 133 2.37 -6.24 24.36
C GLU A 133 0.99 -5.85 24.92
N LYS A 134 0.92 -5.30 26.14
CA LYS A 134 -0.39 -4.92 26.72
C LYS A 134 -0.97 -3.67 26.03
N VAL A 135 -0.10 -2.84 25.47
CA VAL A 135 -0.59 -1.71 24.69
C VAL A 135 -1.30 -2.26 23.45
N ILE A 136 -0.67 -3.21 22.76
CA ILE A 136 -1.29 -3.83 21.56
C ILE A 136 -2.68 -4.43 21.89
N GLY A 137 -2.80 -5.00 23.09
CA GLY A 137 -4.12 -5.37 23.58
C GLY A 137 -4.73 -6.51 22.81
N SER A 138 -6.03 -6.39 22.54
CA SER A 138 -6.78 -7.33 21.73
C SER A 138 -6.30 -7.44 20.29
N GLY A 139 -5.38 -6.56 19.85
CA GLY A 139 -4.75 -6.70 18.52
C GLY A 139 -4.83 -5.44 17.66
N VAL A 140 -3.94 -5.32 16.68
CA VAL A 140 -3.96 -4.20 15.77
C VAL A 140 -4.34 -4.71 14.38
N ASP A 141 -5.40 -4.13 13.81
CA ASP A 141 -5.89 -4.51 12.46
C ASP A 141 -6.66 -3.35 11.84
N LEU A 142 -5.95 -2.51 11.12
CA LEU A 142 -6.56 -1.28 10.67
C LEU A 142 -6.18 -1.03 9.25
N VAL A 143 -6.89 -0.07 8.63
CA VAL A 143 -6.49 0.36 7.33
C VAL A 143 -6.65 1.86 7.20
N THR A 144 -5.61 2.53 6.74
CA THR A 144 -5.69 3.95 6.38
C THR A 144 -6.14 4.08 4.98
N VAL A 145 -7.16 4.90 4.79
CA VAL A 145 -7.64 5.30 3.50
C VAL A 145 -7.37 6.82 3.38
N ARG A 146 -6.35 7.15 2.59
CA ARG A 146 -5.88 8.50 2.39
C ARG A 146 -6.29 9.10 1.05
N GLU A 147 -6.88 10.29 1.06
CA GLU A 147 -7.11 11.08 -0.15
C GLU A 147 -5.81 11.50 -0.85
N LEU A 148 -5.71 11.29 -2.15
CA LEU A 148 -4.47 11.55 -2.89
C LEU A 148 -4.56 12.59 -3.96
N SER A 149 -5.78 12.96 -4.40
CA SER A 149 -5.89 13.86 -5.54
C SER A 149 -5.83 15.34 -5.21
N TYR A 150 -5.98 15.76 -3.97
CA TYR A 150 -6.20 17.22 -3.76
C TYR A 150 -5.63 17.57 -2.40
N GLY A 151 -6.26 18.48 -1.66
CA GLY A 151 -5.68 18.94 -0.41
C GLY A 151 -4.43 19.73 -0.65
N VAL A 152 -3.59 19.81 0.38
CA VAL A 152 -2.55 20.81 0.39
C VAL A 152 -1.44 20.51 -0.63
N TYR A 153 -1.30 19.24 -1.03
CA TYR A 153 -0.25 18.88 -2.00
C TYR A 153 -0.58 19.43 -3.42
N TYR A 154 -1.84 19.75 -3.70
CA TYR A 154 -2.26 20.18 -5.04
C TYR A 154 -3.04 21.47 -5.10
N GLY A 155 -3.52 21.99 -3.97
CA GLY A 155 -4.31 23.19 -3.96
C GLY A 155 -3.60 24.39 -4.52
N GLN A 156 -4.35 25.25 -5.21
CA GLN A 156 -3.77 26.41 -5.82
C GLN A 156 -4.41 27.61 -5.16
N PRO A 157 -3.76 28.77 -5.13
CA PRO A 157 -2.42 28.98 -5.63
C PRO A 157 -1.34 28.42 -4.68
N ARG A 158 -0.16 28.26 -5.23
CA ARG A 158 0.97 27.81 -4.45
C ARG A 158 2.22 28.40 -5.04
N GLY A 159 3.26 28.54 -4.25
CA GLY A 159 4.42 29.19 -4.81
C GLY A 159 5.48 29.53 -3.83
N LEU A 160 6.63 29.93 -4.35
CA LEU A 160 7.78 30.30 -3.55
C LEU A 160 8.49 31.48 -4.14
N ASP A 161 8.77 32.47 -3.34
CA ASP A 161 9.65 33.52 -3.80
C ASP A 161 10.76 33.63 -2.80
N GLU A 162 11.50 34.74 -2.82
CA GLU A 162 12.64 34.87 -1.94
C GLU A 162 12.23 35.02 -0.47
N GLU A 163 11.09 35.66 -0.18
CA GLU A 163 10.76 35.87 1.24
C GLU A 163 9.63 34.96 1.80
N LYS A 164 8.89 34.25 0.95
CA LYS A 164 7.78 33.48 1.47
C LYS A 164 7.51 32.28 0.59
N GLY A 165 7.03 31.24 1.22
CA GLY A 165 6.42 30.14 0.49
C GLY A 165 5.05 29.79 1.02
N PHE A 166 4.17 29.36 0.12
CA PHE A 166 2.80 29.04 0.43
C PHE A 166 2.24 27.96 -0.42
N ASP A 167 1.27 27.31 0.18
CA ASP A 167 0.45 26.25 -0.39
C ASP A 167 -1.02 26.50 0.08
N THR A 168 -1.97 26.00 -0.67
CA THR A 168 -3.34 26.07 -0.30
C THR A 168 -3.90 24.68 0.03
N MET A 169 -4.39 24.51 1.24
CA MET A 169 -5.08 23.29 1.67
C MET A 169 -6.57 23.48 1.33
N ILE A 170 -7.10 22.66 0.46
CA ILE A 170 -8.46 22.83 0.01
C ILE A 170 -9.08 21.49 -0.23
N TYR A 171 -10.35 21.38 0.16
CA TYR A 171 -11.22 20.25 -0.21
C TYR A 171 -12.55 20.79 -0.67
N ASP A 172 -13.12 20.09 -1.66
CA ASP A 172 -14.44 20.32 -2.11
C ASP A 172 -15.26 19.07 -1.98
N ARG A 173 -16.57 19.25 -2.12
CA ARG A 173 -17.51 18.16 -1.91
C ARG A 173 -17.22 16.95 -2.76
N LYS A 174 -17.03 17.12 -4.08
CA LYS A 174 -16.86 15.98 -4.95
C LYS A 174 -15.66 15.14 -4.61
N THR A 175 -14.59 15.81 -4.19
CA THR A 175 -13.36 15.12 -3.79
C THR A 175 -13.60 14.30 -2.53
N VAL A 176 -14.25 14.89 -1.54
CA VAL A 176 -14.43 14.22 -0.27
C VAL A 176 -15.45 13.09 -0.46
N GLU A 177 -16.50 13.31 -1.24
CA GLU A 177 -17.47 12.21 -1.53
C GLU A 177 -16.78 10.97 -2.04
N ARG A 178 -15.87 11.14 -3.00
CA ARG A 178 -15.23 10.03 -3.63
C ARG A 178 -14.42 9.19 -2.65
N ILE A 179 -13.55 9.84 -1.85
CA ILE A 179 -12.71 9.12 -0.93
C ILE A 179 -13.52 8.57 0.23
N ALA A 180 -14.55 9.31 0.67
CA ALA A 180 -15.35 8.81 1.78
C ALA A 180 -16.04 7.53 1.39
N ARG A 181 -16.63 7.51 0.19
CA ARG A 181 -17.28 6.28 -0.28
C ARG A 181 -16.34 5.12 -0.36
N THR A 182 -15.10 5.38 -0.80
CA THR A 182 -14.07 4.34 -0.86
C THR A 182 -13.87 3.72 0.51
N ALA A 183 -13.74 4.57 1.51
CA ALA A 183 -13.47 4.12 2.88
C ALA A 183 -14.68 3.38 3.45
N PHE A 184 -15.87 3.94 3.24
CA PHE A 184 -17.12 3.25 3.71
C PHE A 184 -17.30 1.87 3.13
N GLU A 185 -16.94 1.69 1.87
CA GLU A 185 -17.06 0.38 1.23
C GLU A 185 -16.10 -0.64 1.75
N ILE A 186 -14.91 -0.18 2.12
CA ILE A 186 -13.89 -1.03 2.67
C ILE A 186 -14.36 -1.42 4.08
N ALA A 187 -14.87 -0.43 4.82
CA ALA A 187 -15.41 -0.66 6.17
C ALA A 187 -16.53 -1.66 6.16
N LYS A 188 -17.47 -1.52 5.21
CA LYS A 188 -18.60 -2.45 5.01
C LYS A 188 -18.17 -3.90 5.03
N ASN A 189 -17.04 -4.20 4.40
CA ASN A 189 -16.53 -5.57 4.22
C ASN A 189 -15.50 -6.00 5.24
N ARG A 190 -15.33 -5.14 6.25
CA ARG A 190 -14.38 -5.36 7.38
C ARG A 190 -15.17 -5.32 8.67
N ARG A 191 -14.87 -4.42 9.61
CA ARG A 191 -15.54 -4.38 10.91
C ARG A 191 -16.58 -3.26 11.05
N LYS A 192 -17.00 -2.68 9.92
CA LYS A 192 -18.05 -1.69 9.87
C LYS A 192 -17.81 -0.51 10.79
N LYS A 193 -16.56 -0.04 10.81
CA LYS A 193 -16.23 1.14 11.55
C LYS A 193 -15.28 1.98 10.72
N VAL A 194 -15.64 3.26 10.64
CA VAL A 194 -14.79 4.29 10.10
C VAL A 194 -14.53 5.35 11.17
N THR A 195 -13.27 5.71 11.35
CA THR A 195 -12.84 6.93 11.98
C THR A 195 -12.29 7.91 10.98
N SER A 196 -12.91 9.10 10.94
CA SER A 196 -12.47 10.18 10.10
C SER A 196 -11.64 11.15 10.95
N VAL A 197 -10.50 11.50 10.40
CA VAL A 197 -9.45 12.34 11.03
C VAL A 197 -9.29 13.65 10.31
N ASP A 198 -9.50 14.73 11.04
CA ASP A 198 -9.39 16.04 10.44
C ASP A 198 -8.90 17.02 11.46
N LYS A 199 -8.96 18.31 11.13
CA LYS A 199 -8.66 19.37 12.08
C LYS A 199 -9.75 20.43 12.02
N ALA A 200 -10.99 19.92 12.13
CA ALA A 200 -12.19 20.73 11.97
C ALA A 200 -12.42 21.80 13.00
N ASN A 201 -11.76 21.70 14.14
CA ASN A 201 -11.79 22.78 15.09
C ASN A 201 -10.99 24.04 14.67
N VAL A 202 -10.17 23.99 13.60
CA VAL A 202 -9.30 25.14 13.24
C VAL A 202 -9.24 25.45 11.72
N LEU A 203 -9.34 24.41 10.90
CA LEU A 203 -9.22 24.48 9.45
C LEU A 203 -10.56 24.37 8.76
N TYR A 204 -10.83 25.29 7.83
CA TYR A 204 -12.05 25.30 6.95
C TYR A 204 -12.11 24.11 6.01
N SER A 205 -10.97 23.65 5.50
CA SER A 205 -10.91 22.47 4.68
C SER A 205 -11.42 21.25 5.39
N SER A 206 -11.07 21.16 6.66
CA SER A 206 -11.51 20.10 7.53
C SER A 206 -12.95 20.20 7.97
N MET A 207 -13.47 21.43 8.16
CA MET A 207 -14.92 21.62 8.38
C MET A 207 -15.72 21.11 7.18
N LEU A 208 -15.26 21.43 5.99
CA LEU A 208 -15.94 20.90 4.77
C LEU A 208 -15.83 19.36 4.73
N TRP A 209 -14.61 18.84 4.89
CA TRP A 209 -14.35 17.41 5.00
C TRP A 209 -15.38 16.71 5.91
N ARG A 210 -15.44 17.17 7.16
CA ARG A 210 -16.31 16.55 8.17
C ARG A 210 -17.80 16.58 7.77
N LYS A 211 -18.23 17.72 7.24
CA LYS A 211 -19.62 17.92 6.76
C LYS A 211 -19.94 16.94 5.70
N VAL A 212 -19.08 16.79 4.68
CA VAL A 212 -19.33 15.83 3.59
C VAL A 212 -19.20 14.38 4.00
N VAL A 213 -18.25 14.03 4.86
CA VAL A 213 -18.19 12.65 5.35
C VAL A 213 -19.49 12.27 6.12
N ASN A 214 -19.97 13.20 6.93
CA ASN A 214 -21.21 12.97 7.67
C ASN A 214 -22.37 12.73 6.70
N GLU A 215 -22.40 13.49 5.60
CA GLU A 215 -23.38 13.25 4.53
C GLU A 215 -23.27 11.90 3.90
N VAL A 216 -22.07 11.50 3.47
CA VAL A 216 -21.88 10.15 2.92
C VAL A 216 -22.24 9.02 3.86
N ALA A 217 -21.88 9.17 5.13
CA ALA A 217 -22.16 8.19 6.13
C ALA A 217 -23.67 7.82 6.24
N ARG A 218 -24.57 8.71 5.86
CA ARG A 218 -26.02 8.43 5.72
C ARG A 218 -26.31 7.32 4.68
N GLU A 219 -25.46 7.17 3.66
CA GLU A 219 -25.63 6.13 2.61
C GLU A 219 -25.19 4.78 3.18
N TYR A 220 -24.60 4.77 4.40
CA TYR A 220 -24.01 3.55 5.05
C TYR A 220 -24.44 3.47 6.51
N PRO A 221 -25.73 3.28 6.73
CA PRO A 221 -26.28 3.29 8.08
C PRO A 221 -25.74 2.20 9.02
N ASP A 222 -25.25 1.10 8.49
CA ASP A 222 -24.71 0.05 9.34
C ASP A 222 -23.21 0.20 9.68
N VAL A 223 -22.59 1.31 9.27
CA VAL A 223 -21.19 1.54 9.54
C VAL A 223 -21.13 2.61 10.60
N GLU A 224 -20.41 2.32 11.68
CA GLU A 224 -20.18 3.25 12.74
C GLU A 224 -19.13 4.30 12.34
N LEU A 225 -19.51 5.56 12.38
CA LEU A 225 -18.61 6.65 12.09
C LEU A 225 -18.25 7.40 13.38
N THR A 226 -16.95 7.53 13.66
CA THR A 226 -16.40 8.44 14.65
C THR A 226 -15.54 9.51 13.98
N HIS A 227 -15.40 10.68 14.62
CA HIS A 227 -14.50 11.70 14.11
C HIS A 227 -13.53 12.04 15.19
N ILE A 228 -12.25 12.18 14.84
CA ILE A 228 -11.18 12.54 15.78
C ILE A 228 -10.29 13.61 15.16
N TYR A 229 -9.69 14.48 15.99
CA TYR A 229 -8.69 15.40 15.50
C TYR A 229 -7.37 14.66 15.20
N VAL A 230 -6.69 15.08 14.14
CA VAL A 230 -5.42 14.46 13.71
C VAL A 230 -4.38 14.40 14.88
N ASP A 231 -4.31 15.42 15.72
CA ASP A 231 -3.32 15.37 16.83
C ASP A 231 -3.63 14.31 17.89
N ASN A 232 -4.90 14.24 18.26
CA ASN A 232 -5.41 13.11 19.00
C ASN A 232 -5.32 11.75 18.31
N ALA A 233 -5.53 11.63 16.99
CA ALA A 233 -5.29 10.36 16.33
C ALA A 233 -3.81 9.97 16.45
N ALA A 234 -2.90 10.93 16.31
CA ALA A 234 -1.47 10.64 16.40
C ALA A 234 -1.09 10.02 17.77
N MET A 235 -1.72 10.51 18.83
CA MET A 235 -1.55 9.94 20.18
C MET A 235 -2.21 8.56 20.38
N GLN A 236 -3.39 8.38 19.78
CA GLN A 236 -4.16 7.15 19.92
C GLN A 236 -3.61 5.99 19.13
N LEU A 237 -2.87 6.25 18.07
CA LEU A 237 -2.16 5.20 17.38
C LEU A 237 -1.11 4.54 18.32
N ILE A 238 -0.60 5.28 19.29
CA ILE A 238 0.41 4.76 20.18
C ILE A 238 -0.27 4.23 21.44
N LEU A 239 -1.23 4.97 21.99
CA LEU A 239 -1.87 4.56 23.25
C LEU A 239 -2.91 3.48 23.12
N LYS A 240 -3.69 3.43 22.05
CA LYS A 240 -4.70 2.34 21.89
C LYS A 240 -5.08 2.07 20.41
N PRO A 241 -4.14 1.54 19.63
CA PRO A 241 -4.37 1.34 18.22
C PRO A 241 -5.46 0.33 17.89
N SER A 242 -5.84 -0.52 18.85
CA SER A 242 -6.86 -1.54 18.56
C SER A 242 -8.25 -0.95 18.38
N GLN A 243 -8.45 0.32 18.71
CA GLN A 243 -9.76 0.95 18.52
C GLN A 243 -10.09 1.19 17.03
N PHE A 244 -9.08 1.20 16.16
CA PHE A 244 -9.26 1.56 14.75
C PHE A 244 -9.55 0.38 13.82
N ASP A 245 -10.49 0.56 12.86
CA ASP A 245 -10.71 -0.37 11.74
C ASP A 245 -10.30 0.41 10.48
N VAL A 246 -11.20 1.18 9.86
CA VAL A 246 -10.83 2.05 8.76
C VAL A 246 -10.60 3.48 9.27
N ILE A 247 -9.49 4.06 8.88
CA ILE A 247 -9.14 5.47 9.17
C ILE A 247 -9.16 6.19 7.86
N LEU A 248 -10.10 7.14 7.73
CA LEU A 248 -10.32 7.93 6.57
C LEU A 248 -9.73 9.30 6.84
N THR A 249 -8.85 9.78 5.97
CA THR A 249 -8.27 11.10 6.20
C THR A 249 -7.69 11.74 4.95
N THR A 250 -7.21 12.96 5.13
CA THR A 250 -6.83 13.83 4.07
C THR A 250 -5.43 13.44 3.57
N ASN A 251 -5.04 14.09 2.51
CA ASN A 251 -3.75 13.87 1.83
C ASN A 251 -2.61 13.99 2.84
N MET A 252 -2.47 15.15 3.40
CA MET A 252 -1.45 15.41 4.38
C MET A 252 -1.56 14.63 5.69
N PHE A 253 -2.72 14.62 6.34
CA PHE A 253 -2.87 13.86 7.58
C PHE A 253 -2.68 12.36 7.35
N GLY A 254 -3.18 11.84 6.25
CA GLY A 254 -2.98 10.43 5.88
C GLY A 254 -1.53 10.08 5.62
N ASP A 255 -0.79 11.02 5.04
CA ASP A 255 0.64 10.84 4.79
C ASP A 255 1.38 10.62 6.13
N ILE A 256 1.07 11.48 7.10
CA ILE A 256 1.74 11.45 8.42
C ILE A 256 1.28 10.24 9.25
N LEU A 257 -0.04 10.05 9.39
CA LEU A 257 -0.59 8.97 10.09
C LEU A 257 -0.33 7.57 9.51
N SER A 258 -0.32 7.41 8.20
CA SER A 258 -0.07 6.07 7.65
C SER A 258 1.40 5.70 7.89
N ASP A 259 2.30 6.69 7.89
CA ASP A 259 3.72 6.45 8.26
C ASP A 259 3.96 6.16 9.71
N GLU A 260 3.26 6.88 10.58
CA GLU A 260 3.21 6.52 12.00
C GLU A 260 2.71 5.12 12.28
N SER A 261 1.59 4.73 11.65
CA SER A 261 1.03 3.41 11.86
C SER A 261 1.97 2.33 11.30
N ALA A 262 2.80 2.66 10.32
CA ALA A 262 3.82 1.76 9.82
C ALA A 262 4.89 1.45 10.81
N ALA A 263 5.09 2.26 11.85
CA ALA A 263 6.06 1.88 12.87
C ALA A 263 5.55 0.70 13.70
N LEU A 264 4.23 0.41 13.69
CA LEU A 264 3.65 -0.51 14.68
C LEU A 264 4.03 -1.98 14.52
N PRO A 265 4.02 -2.52 13.31
CA PRO A 265 4.49 -3.91 13.13
C PRO A 265 6.03 -3.95 13.23
N GLY A 266 6.68 -2.78 13.13
CA GLY A 266 8.13 -2.67 13.35
C GLY A 266 9.00 -3.28 12.26
N SER A 267 8.44 -3.61 11.09
CA SER A 267 9.25 -3.81 9.88
C SER A 267 8.53 -3.41 8.59
N LEU A 268 9.15 -2.60 7.77
CA LEU A 268 8.50 -2.17 6.54
C LEU A 268 8.29 -3.33 5.55
N GLY A 269 9.11 -4.38 5.70
CA GLY A 269 9.11 -5.56 4.83
C GLY A 269 7.83 -6.37 4.90
N LEU A 270 6.98 -6.04 5.87
CA LEU A 270 5.71 -6.71 6.09
C LEU A 270 4.51 -5.98 5.40
N LEU A 271 4.68 -4.75 4.94
CA LEU A 271 3.57 -3.83 4.69
C LEU A 271 3.26 -3.60 3.19
N PRO A 272 2.06 -3.99 2.75
CA PRO A 272 1.62 -3.71 1.38
C PRO A 272 0.94 -2.35 1.21
N SER A 273 0.75 -1.92 -0.04
CA SER A 273 0.16 -0.62 -0.36
C SER A 273 -0.62 -0.80 -1.69
N ALA A 274 -1.78 -0.15 -1.80
CA ALA A 274 -2.56 -0.02 -3.03
C ALA A 274 -2.90 1.43 -3.22
N SER A 275 -2.81 1.93 -4.45
CA SER A 275 -3.40 3.21 -4.79
C SER A 275 -4.45 2.98 -5.87
N PHE A 276 -5.59 3.67 -5.75
CA PHE A 276 -6.74 3.56 -6.64
C PHE A 276 -6.71 4.75 -7.57
N GLY A 277 -6.93 4.51 -8.85
CA GLY A 277 -6.74 5.56 -9.83
C GLY A 277 -7.44 5.23 -11.12
N ASP A 278 -6.97 5.79 -12.26
CA ASP A 278 -7.40 5.34 -13.60
C ASP A 278 -7.19 3.80 -13.64
N LYS A 279 -5.98 3.35 -13.33
CA LYS A 279 -5.77 1.90 -13.05
C LYS A 279 -5.21 1.84 -11.64
N ASN A 280 -5.38 0.71 -10.95
CA ASN A 280 -4.88 0.62 -9.62
C ASN A 280 -3.41 0.15 -9.64
N LEU A 281 -2.67 0.66 -8.67
CA LEU A 281 -1.23 0.49 -8.51
C LEU A 281 -0.96 -0.20 -7.19
N TYR A 282 -0.28 -1.31 -7.25
CA TYR A 282 -0.01 -2.20 -6.06
C TYR A 282 1.48 -2.31 -5.88
N GLU A 283 1.95 -1.97 -4.70
CA GLU A 283 3.39 -1.87 -4.41
C GLU A 283 3.67 -2.02 -2.90
N PRO A 284 4.85 -2.45 -2.51
CA PRO A 284 5.27 -2.43 -1.08
C PRO A 284 5.28 -1.01 -0.53
N ALA A 285 4.90 -0.83 0.72
CA ALA A 285 4.92 0.51 1.35
C ALA A 285 6.33 1.11 1.51
N GLY A 286 7.36 0.28 1.61
CA GLY A 286 8.72 0.76 1.80
C GLY A 286 9.49 0.76 0.49
N GLY A 287 10.71 1.27 0.52
CA GLY A 287 11.42 1.54 -0.74
C GLY A 287 12.58 0.62 -1.12
N SER A 288 13.58 1.28 -1.72
CA SER A 288 14.92 0.76 -2.00
C SER A 288 15.57 0.12 -0.76
N ALA A 289 16.31 -0.97 -1.01
CA ALA A 289 17.20 -1.59 -0.01
C ALA A 289 18.54 -1.95 -0.68
N PRO A 290 19.27 -0.94 -1.17
CA PRO A 290 20.55 -1.14 -1.87
C PRO A 290 21.57 -2.04 -1.17
N ASP A 291 21.63 -1.99 0.17
CA ASP A 291 22.62 -2.78 0.92
C ASP A 291 22.34 -4.29 0.92
N ILE A 292 21.12 -4.72 0.59
CA ILE A 292 20.80 -6.17 0.49
C ILE A 292 20.35 -6.62 -0.90
N ALA A 293 20.29 -5.68 -1.84
CA ALA A 293 19.86 -5.99 -3.20
C ALA A 293 20.69 -7.16 -3.75
N GLY A 294 20.04 -8.18 -4.26
CA GLY A 294 20.77 -9.33 -4.82
C GLY A 294 21.22 -10.42 -3.84
N LYS A 295 21.05 -10.20 -2.54
CA LYS A 295 21.58 -11.14 -1.56
C LYS A 295 20.56 -12.18 -1.09
N ASN A 296 19.34 -12.18 -1.64
CA ASN A 296 18.34 -13.17 -1.21
C ASN A 296 18.00 -13.02 0.29
N ILE A 297 17.99 -11.78 0.77
CA ILE A 297 17.67 -11.48 2.16
C ILE A 297 16.28 -10.83 2.31
N ALA A 298 15.89 -10.03 1.33
CA ALA A 298 14.72 -9.17 1.48
C ALA A 298 13.50 -9.93 1.85
N ASN A 299 12.70 -9.35 2.72
CA ASN A 299 11.41 -9.93 3.06
C ASN A 299 10.37 -9.74 1.89
N PRO A 300 9.86 -10.84 1.34
CA PRO A 300 8.90 -10.81 0.24
C PRO A 300 7.44 -10.63 0.64
N ILE A 301 7.16 -10.62 1.93
CA ILE A 301 5.79 -10.56 2.40
C ILE A 301 5.05 -9.31 1.94
N ALA A 302 5.68 -8.12 1.95
CA ALA A 302 5.05 -6.92 1.49
C ALA A 302 4.60 -7.06 0.04
N GLN A 303 5.47 -7.58 -0.81
CA GLN A 303 5.13 -7.76 -2.22
C GLN A 303 4.00 -8.82 -2.41
N ILE A 304 4.04 -9.84 -1.60
CA ILE A 304 3.03 -10.89 -1.61
C ILE A 304 1.68 -10.37 -1.12
N LEU A 305 1.66 -9.65 -0.02
CA LEU A 305 0.42 -9.05 0.42
C LEU A 305 -0.10 -7.91 -0.50
N SER A 306 0.77 -7.27 -1.30
CA SER A 306 0.38 -6.31 -2.32
C SER A 306 -0.31 -7.06 -3.42
N LEU A 307 0.14 -8.27 -3.72
CA LEU A 307 -0.60 -9.13 -4.66
C LEU A 307 -1.98 -9.49 -4.17
N ALA A 308 -2.08 -9.81 -2.89
CA ALA A 308 -3.38 -10.07 -2.31
C ALA A 308 -4.28 -8.84 -2.43
N MET A 309 -3.76 -7.62 -2.18
CA MET A 309 -4.60 -6.43 -2.32
C MET A 309 -5.07 -6.30 -3.75
N MET A 310 -4.22 -6.66 -4.69
CA MET A 310 -4.59 -6.54 -6.12
C MET A 310 -5.71 -7.45 -6.50
N LEU A 311 -5.58 -8.68 -6.04
CA LEU A 311 -6.66 -9.64 -6.24
C LEU A 311 -8.00 -9.21 -5.66
N GLU A 312 -7.97 -8.70 -4.45
CA GLU A 312 -9.15 -8.22 -3.84
C GLU A 312 -9.75 -6.97 -4.48
N HIS A 313 -8.93 -5.95 -4.77
CA HIS A 313 -9.47 -4.65 -5.10
C HIS A 313 -9.52 -4.40 -6.60
N SER A 314 -8.69 -5.07 -7.38
CA SER A 314 -8.78 -4.92 -8.81
C SER A 314 -9.71 -5.97 -9.45
N PHE A 315 -9.75 -7.16 -8.86
CA PHE A 315 -10.39 -8.31 -9.46
C PHE A 315 -11.58 -8.90 -8.65
N GLY A 316 -11.83 -8.38 -7.47
CA GLY A 316 -12.92 -8.79 -6.62
C GLY A 316 -12.76 -10.23 -6.10
N MET A 317 -11.53 -10.77 -6.14
CA MET A 317 -11.20 -12.13 -5.67
C MET A 317 -10.86 -12.09 -4.21
N VAL A 318 -11.87 -11.71 -3.43
CA VAL A 318 -11.71 -11.51 -2.03
C VAL A 318 -11.31 -12.79 -1.29
N GLU A 319 -11.96 -13.92 -1.60
CA GLU A 319 -11.62 -15.16 -0.93
C GLU A 319 -10.17 -15.56 -1.17
N GLU A 320 -9.73 -15.48 -2.40
CA GLU A 320 -8.36 -15.78 -2.73
C GLU A 320 -7.36 -14.90 -1.99
N ALA A 321 -7.70 -13.63 -1.81
CA ALA A 321 -6.79 -12.71 -1.18
C ALA A 321 -6.70 -13.09 0.30
N ARG A 322 -7.82 -13.48 0.90
CA ARG A 322 -7.83 -13.79 2.32
C ARG A 322 -7.03 -15.08 2.58
N LYS A 323 -7.04 -15.97 1.60
CA LYS A 323 -6.18 -17.19 1.67
C LYS A 323 -4.68 -16.89 1.64
N ILE A 324 -4.26 -15.94 0.80
CA ILE A 324 -2.89 -15.52 0.75
C ILE A 324 -2.52 -14.91 2.08
N GLU A 325 -3.43 -14.10 2.63
CA GLU A 325 -3.17 -13.44 3.90
C GLU A 325 -2.96 -14.47 5.01
N ARG A 326 -3.82 -15.49 4.98
CA ARG A 326 -3.81 -16.61 5.93
C ARG A 326 -2.50 -17.47 5.88
N ALA A 327 -2.07 -17.83 4.67
CA ALA A 327 -0.79 -18.52 4.44
C ALA A 327 0.45 -17.76 4.91
N VAL A 328 0.47 -16.43 4.71
CA VAL A 328 1.54 -15.63 5.28
C VAL A 328 1.52 -15.76 6.80
N GLU A 329 0.36 -15.50 7.38
CA GLU A 329 0.22 -15.55 8.85
C GLU A 329 0.65 -16.92 9.47
N LEU A 330 0.30 -17.99 8.79
CA LEU A 330 0.58 -19.38 9.25
C LEU A 330 2.07 -19.69 9.20
N VAL A 331 2.76 -19.13 8.20
CA VAL A 331 4.20 -19.33 8.07
C VAL A 331 4.89 -18.55 9.17
N ILE A 332 4.49 -17.31 9.40
CA ILE A 332 5.00 -16.54 10.54
C ILE A 332 4.75 -17.25 11.88
N GLU A 333 3.51 -17.73 12.07
CA GLU A 333 3.05 -18.37 13.30
C GLU A 333 3.89 -19.63 13.55
N GLU A 334 4.33 -20.26 12.47
CA GLU A 334 5.26 -21.40 12.54
C GLU A 334 6.65 -21.07 13.02
N GLY A 335 7.07 -19.81 13.00
CA GLY A 335 8.38 -19.43 13.47
C GLY A 335 9.37 -18.97 12.41
N TYR A 336 9.00 -19.07 11.14
CA TYR A 336 9.90 -18.64 10.04
C TYR A 336 10.09 -17.12 9.96
N ARG A 337 11.33 -16.70 9.79
CA ARG A 337 11.69 -15.29 9.87
C ARG A 337 12.72 -14.95 8.80
N THR A 338 12.52 -13.88 8.01
CA THR A 338 13.63 -13.31 7.25
C THR A 338 14.44 -12.41 8.20
N ARG A 339 15.63 -11.97 7.77
CA ARG A 339 16.52 -11.20 8.66
C ARG A 339 15.85 -9.99 9.32
N ASP A 340 15.07 -9.23 8.56
CA ASP A 340 14.37 -8.05 9.07
C ASP A 340 13.45 -8.28 10.28
N ILE A 341 13.02 -9.52 10.51
CA ILE A 341 12.13 -9.87 11.62
C ILE A 341 12.70 -11.02 12.50
N ALA A 342 13.96 -11.41 12.25
CA ALA A 342 14.61 -12.45 13.06
C ALA A 342 15.38 -11.86 14.22
N GLU A 343 15.15 -12.42 15.41
CA GLU A 343 15.94 -12.08 16.62
C GLU A 343 17.38 -12.65 16.53
N ASP A 344 17.47 -13.93 16.16
CA ASP A 344 18.72 -14.59 15.75
C ASP A 344 18.90 -14.56 14.22
N PRO A 345 19.73 -13.65 13.71
CA PRO A 345 19.92 -13.45 12.26
C PRO A 345 20.46 -14.66 11.46
N GLU A 346 21.26 -15.50 12.09
CA GLU A 346 21.78 -16.67 11.41
C GLU A 346 20.70 -17.73 11.29
N LYS A 347 19.58 -17.53 11.98
CA LYS A 347 18.40 -18.41 11.84
C LYS A 347 17.33 -17.84 10.86
N ALA A 348 17.74 -16.92 10.00
CA ALA A 348 16.85 -16.31 9.02
C ALA A 348 16.75 -17.19 7.77
N VAL A 349 15.53 -17.32 7.24
CA VAL A 349 15.37 -17.94 5.93
C VAL A 349 15.61 -16.86 4.87
N SER A 350 15.95 -17.27 3.66
CA SER A 350 16.16 -16.34 2.53
C SER A 350 14.82 -15.85 1.91
N THR A 351 14.92 -14.91 0.97
CA THR A 351 13.78 -14.42 0.21
C THR A 351 13.06 -15.58 -0.45
N SER A 352 13.86 -16.41 -1.14
CA SER A 352 13.36 -17.51 -1.92
C SER A 352 12.78 -18.60 -1.04
N GLN A 353 13.42 -18.91 0.09
CA GLN A 353 12.87 -19.88 1.05
C GLN A 353 11.54 -19.43 1.63
N MET A 354 11.47 -18.15 2.00
CA MET A 354 10.24 -17.60 2.56
C MET A 354 9.14 -17.68 1.57
N GLY A 355 9.47 -17.38 0.31
CA GLY A 355 8.52 -17.44 -0.77
C GLY A 355 7.99 -18.84 -1.03
N ASP A 356 8.89 -19.82 -1.03
CA ASP A 356 8.48 -21.23 -1.14
C ASP A 356 7.62 -21.70 0.03
N LEU A 357 7.95 -21.32 1.27
CA LEU A 357 7.15 -21.72 2.44
C LEU A 357 5.70 -21.22 2.26
N ILE A 358 5.55 -19.96 1.83
CA ILE A 358 4.23 -19.36 1.67
C ILE A 358 3.46 -20.07 0.59
N CYS A 359 4.12 -20.36 -0.53
CA CYS A 359 3.47 -21.11 -1.63
C CYS A 359 3.02 -22.48 -1.21
N LYS A 360 3.87 -23.19 -0.46
CA LYS A 360 3.53 -24.56 -0.07
C LYS A 360 2.38 -24.49 0.93
N LYS A 361 2.38 -23.49 1.82
CA LYS A 361 1.29 -23.35 2.78
C LYS A 361 -0.01 -22.97 2.05
N LEU A 362 0.06 -22.02 1.13
CA LEU A 362 -1.13 -21.66 0.38
C LEU A 362 -1.75 -22.90 -0.29
N GLU A 363 -0.91 -23.73 -0.93
CA GLU A 363 -1.41 -24.98 -1.53
C GLU A 363 -2.06 -25.87 -0.46
N GLU A 364 -1.49 -25.88 0.73
CA GLU A 364 -1.98 -26.73 1.82
C GLU A 364 -3.37 -26.31 2.27
N ILE A 365 -3.57 -25.02 2.50
CA ILE A 365 -4.81 -24.59 3.14
C ILE A 365 -5.91 -24.30 2.13
N TRP A 366 -5.60 -24.32 0.83
CA TRP A 366 -6.56 -23.82 -0.15
C TRP A 366 -7.82 -24.68 -0.13
CL CL B . -4.31 17.88 2.80
#